data_3PAM
#
_entry.id   3PAM
#
_cell.length_a   100.847
_cell.length_b   39.715
_cell.length_c   101.353
_cell.angle_alpha   90.00
_cell.angle_beta   92.28
_cell.angle_gamma   90.00
#
_symmetry.space_group_name_H-M   'P 1 21 1'
#
loop_
_entity.id
_entity.type
_entity.pdbx_description
1 polymer 'Transmembrane protein'
2 non-polymer ETHANOL
3 water water
#
_entity_poly.entity_id   1
_entity_poly.type   'polypeptide(L)'
_entity_poly.pdbx_seq_one_letter_code
;SNADI(MSE)GFVFNTRRTLFKDKRVRQALSILFDFEWVNHHLFNNIYTRTEGYWDGSILSSIGKPASEEEKALLAPYPD
AVLPEV(MSE)DGSWRISKTDGSG(MSE)DRLNAQKAWKLLQEAGFTKKNNRLIAPNGLPFQFEI(MSE)TQSLEEEKVA
LAFQSNLSRLGIHAEIRTVDDSQYQNRLG(MSE)FNYD(MSE)IIGKLKNSLSPGNEQINRWSSASRNLKGSFNFSGASD
PAIDA(MSE)ITAILDAHSQVDFIAAVRALDRILISGSYYIPLYHLS
;
_entity_poly.pdbx_strand_id   A,B
#
loop_
_chem_comp.id
_chem_comp.type
_chem_comp.name
_chem_comp.formula
EOH non-polymer ETHANOL 'C2 H6 O'
#
# COMPACT_ATOMS: atom_id res chain seq x y z
N ASP A 4 12.13 -4.68 -19.05
CA ASP A 4 11.05 -3.83 -18.52
C ASP A 4 11.46 -2.36 -18.53
N ILE A 5 10.49 -1.47 -18.67
CA ILE A 5 10.69 -0.03 -18.45
C ILE A 5 9.65 0.47 -17.45
N MSE A 6 10.11 1.23 -16.46
CA MSE A 6 9.24 1.75 -15.41
C MSE A 6 9.35 3.27 -15.32
O MSE A 6 10.43 3.83 -15.52
CB MSE A 6 9.56 1.11 -14.06
CG MSE A 6 8.79 1.69 -12.87
SE MSE A 6 9.39 1.00 -11.13
CE MSE A 6 11.26 0.82 -11.51
N GLY A 7 8.24 3.92 -15.02
CA GLY A 7 8.25 5.36 -14.85
C GLY A 7 6.98 5.93 -14.25
N PHE A 8 7.04 7.22 -13.92
CA PHE A 8 5.82 7.99 -13.71
C PHE A 8 5.28 8.27 -15.09
N VAL A 9 4.00 8.01 -15.29
CA VAL A 9 3.39 8.24 -16.58
C VAL A 9 2.46 9.43 -16.48
N PHE A 10 2.72 10.44 -17.31
CA PHE A 10 1.84 11.60 -17.46
C PHE A 10 0.65 11.20 -18.28
N ASN A 11 -0.55 11.29 -17.72
CA ASN A 11 -1.70 11.21 -18.58
C ASN A 11 -1.86 12.49 -19.36
N THR A 12 -1.29 12.47 -20.56
CA THR A 12 -1.20 13.61 -21.48
C THR A 12 -2.56 14.08 -22.01
N ARG A 13 -3.61 13.29 -21.75
CA ARG A 13 -4.98 13.64 -22.14
C ARG A 13 -5.53 14.78 -21.28
N ARG A 14 -5.01 14.89 -20.07
CA ARG A 14 -5.46 15.94 -19.15
C ARG A 14 -4.69 17.24 -19.39
N THR A 15 -5.39 18.36 -19.29
CA THR A 15 -4.83 19.67 -19.67
C THR A 15 -3.54 20.07 -18.96
N LEU A 16 -3.43 19.78 -17.67
CA LEU A 16 -2.20 20.06 -16.94
C LEU A 16 -0.90 19.47 -17.52
N PHE A 17 -1.03 18.37 -18.26
CA PHE A 17 0.13 17.70 -18.84
C PHE A 17 0.15 17.69 -20.36
N LYS A 18 -0.59 18.58 -21.01
CA LYS A 18 -0.52 18.68 -22.47
C LYS A 18 0.82 19.18 -23.03
N ASP A 19 1.55 19.97 -22.24
CA ASP A 19 2.71 20.74 -22.73
C ASP A 19 4.01 20.07 -22.35
N LYS A 20 4.85 19.83 -23.36
CA LYS A 20 6.08 19.05 -23.20
C LYS A 20 7.08 19.68 -22.23
N ARG A 21 7.07 21.01 -22.13
CA ARG A 21 7.94 21.71 -21.18
C ARG A 21 7.55 21.47 -19.74
N VAL A 22 6.25 21.35 -19.51
CA VAL A 22 5.69 21.05 -18.20
C VAL A 22 6.10 19.66 -17.71
N ARG A 23 5.86 18.66 -18.56
CA ARG A 23 6.29 17.29 -18.26
C ARG A 23 7.82 17.29 -18.09
N GLN A 24 8.51 18.08 -18.92
CA GLN A 24 9.95 18.17 -18.80
C GLN A 24 10.34 18.75 -17.42
N ALA A 25 9.64 19.81 -17.00
CA ALA A 25 9.87 20.42 -15.69
C ALA A 25 9.60 19.45 -14.54
N LEU A 26 8.47 18.75 -14.56
CA LEU A 26 8.12 17.85 -13.46
C LEU A 26 9.10 16.69 -13.36
N SER A 27 9.55 16.22 -14.53
CA SER A 27 10.57 15.20 -14.63
C SER A 27 11.85 15.62 -13.92
N ILE A 28 12.29 16.84 -14.16
CA ILE A 28 13.47 17.37 -13.48
C ILE A 28 13.26 17.50 -11.96
N LEU A 29 12.06 17.93 -11.56
CA LEU A 29 11.74 18.14 -10.15
C LEU A 29 11.83 16.88 -9.30
N PHE A 30 11.73 15.73 -9.94
CA PHE A 30 11.82 14.51 -9.22
C PHE A 30 13.28 14.20 -8.98
N ASP A 31 13.55 13.89 -7.70
CA ASP A 31 14.88 13.63 -7.17
C ASP A 31 15.03 12.13 -6.92
N PHE A 32 15.56 11.43 -7.91
CA PHE A 32 15.76 9.96 -7.83
C PHE A 32 16.80 9.55 -6.81
N GLU A 33 17.87 10.32 -6.70
CA GLU A 33 18.96 10.02 -5.77
C GLU A 33 18.55 10.08 -4.29
N TRP A 34 17.65 10.99 -3.94
CA TRP A 34 17.06 10.99 -2.61
C TRP A 34 16.38 9.65 -2.39
N VAL A 35 15.48 9.29 -3.30
CA VAL A 35 14.72 8.05 -3.23
C VAL A 35 15.62 6.83 -3.16
N ASN A 36 16.64 6.82 -4.02
CA ASN A 36 17.53 5.68 -4.14
C ASN A 36 18.35 5.44 -2.87
N HIS A 37 18.76 6.53 -2.23
CA HIS A 37 19.59 6.45 -1.03
C HIS A 37 18.75 6.33 0.23
N HIS A 38 17.57 6.96 0.23
CA HIS A 38 16.74 7.02 1.44
C HIS A 38 15.66 5.93 1.57
N LEU A 39 15.21 5.36 0.46
CA LEU A 39 14.19 4.30 0.53
C LEU A 39 14.77 2.94 0.11
N PHE A 40 15.78 3.00 -0.75
CA PHE A 40 16.51 1.81 -1.15
C PHE A 40 17.95 1.95 -0.65
N ASN A 41 18.77 0.94 -0.85
CA ASN A 41 20.15 1.02 -0.38
C ASN A 41 21.09 1.28 -1.57
N ASN A 42 20.61 2.12 -2.49
CA ASN A 42 21.24 2.36 -3.78
C ASN A 42 21.38 1.06 -4.57
N ILE A 43 20.44 0.15 -4.30
CA ILE A 43 20.36 -1.16 -4.97
C ILE A 43 19.78 -0.97 -6.36
N TYR A 44 19.27 0.22 -6.63
CA TYR A 44 18.63 0.50 -7.91
C TYR A 44 19.42 1.43 -8.83
N THR A 45 19.05 1.36 -10.08
CA THR A 45 19.71 2.11 -11.11
C THR A 45 18.66 2.87 -11.96
N ARG A 46 18.91 4.15 -12.16
CA ARG A 46 17.98 4.98 -12.89
C ARG A 46 17.82 4.54 -14.31
N THR A 47 16.57 4.39 -14.73
CA THR A 47 16.22 4.21 -16.11
C THR A 47 16.22 5.59 -16.73
N GLU A 48 16.76 5.74 -17.94
CA GLU A 48 16.92 7.06 -18.53
C GLU A 48 16.11 7.22 -19.77
N GLY A 49 16.29 6.32 -20.72
CA GLY A 49 15.58 6.37 -21.96
C GLY A 49 14.71 5.16 -22.05
N TYR A 50 14.50 4.69 -23.26
CA TYR A 50 13.57 3.63 -23.47
C TYR A 50 14.18 2.34 -23.95
N TRP A 51 15.42 2.34 -24.39
CA TRP A 51 16.05 1.11 -24.75
C TRP A 51 17.46 1.11 -24.18
N ASP A 52 17.55 1.40 -22.89
CA ASP A 52 18.81 1.46 -22.11
C ASP A 52 19.67 0.20 -22.11
N GLY A 53 20.96 0.38 -22.42
CA GLY A 53 21.92 -0.70 -22.35
C GLY A 53 21.69 -1.71 -23.45
N SER A 54 21.31 -1.19 -24.61
CA SER A 54 21.06 -1.96 -25.81
C SER A 54 21.69 -1.16 -26.93
N ILE A 55 22.00 -1.84 -28.03
CA ILE A 55 22.48 -1.18 -29.23
C ILE A 55 21.35 -0.25 -29.71
N LEU A 56 20.14 -0.52 -29.23
CA LEU A 56 18.96 0.28 -29.61
C LEU A 56 18.79 1.57 -28.80
N SER A 57 19.56 1.75 -27.73
CA SER A 57 19.48 2.97 -26.97
C SER A 57 20.10 4.09 -27.76
N SER A 58 19.56 5.31 -27.58
CA SER A 58 20.10 6.51 -28.24
C SER A 58 20.97 7.34 -27.34
N ILE A 59 21.11 6.91 -26.09
CA ILE A 59 21.56 7.80 -25.05
C ILE A 59 22.92 8.48 -25.27
N GLY A 60 23.94 7.71 -25.63
CA GLY A 60 25.29 8.30 -25.66
C GLY A 60 25.92 8.52 -27.01
N LYS A 61 25.10 8.64 -28.06
CA LYS A 61 25.60 8.74 -29.41
C LYS A 61 24.83 9.70 -30.25
N PRO A 62 25.46 10.31 -31.24
CA PRO A 62 24.78 11.27 -32.10
C PRO A 62 23.97 10.55 -33.17
N ALA A 63 22.90 11.20 -33.62
CA ALA A 63 22.03 10.61 -34.62
C ALA A 63 22.80 10.34 -35.92
N SER A 64 22.62 9.15 -36.46
CA SER A 64 23.18 8.76 -37.75
C SER A 64 22.46 9.52 -38.84
N GLU A 65 23.03 9.55 -40.04
CA GLU A 65 22.40 10.17 -41.22
C GLU A 65 21.02 9.58 -41.55
N GLU A 66 20.87 8.27 -41.39
CA GLU A 66 19.60 7.62 -41.67
C GLU A 66 18.61 8.12 -40.67
N GLU A 67 19.02 8.24 -39.41
CA GLU A 67 18.15 8.83 -38.38
C GLU A 67 17.76 10.25 -38.73
N LYS A 68 18.78 11.04 -39.11
CA LYS A 68 18.59 12.43 -39.53
C LYS A 68 17.59 12.51 -40.68
N ALA A 69 17.69 11.56 -41.61
CA ALA A 69 16.76 11.44 -42.72
C ALA A 69 15.36 11.00 -42.23
N LEU A 70 15.32 10.10 -41.25
CA LEU A 70 14.03 9.63 -40.73
C LEU A 70 13.28 10.79 -40.09
N LEU A 71 14.03 11.64 -39.38
CA LEU A 71 13.47 12.73 -38.59
C LEU A 71 13.23 14.06 -39.32
N ALA A 72 13.86 14.23 -40.49
CA ALA A 72 13.77 15.49 -41.23
C ALA A 72 12.38 16.12 -41.25
N PRO A 73 11.32 15.33 -41.56
CA PRO A 73 9.97 15.88 -41.60
C PRO A 73 9.44 16.40 -40.27
N TYR A 74 10.15 16.13 -39.17
CA TYR A 74 9.62 16.37 -37.83
C TYR A 74 10.58 17.18 -36.99
N PRO A 75 10.61 18.51 -37.20
CA PRO A 75 11.63 19.39 -36.60
C PRO A 75 11.43 19.64 -35.09
N ASP A 76 10.18 19.54 -34.62
CA ASP A 76 9.89 19.82 -33.22
C ASP A 76 9.98 18.57 -32.33
N ALA A 77 10.26 17.42 -32.95
CA ALA A 77 10.21 16.14 -32.25
C ALA A 77 11.36 15.90 -31.26
N VAL A 78 12.57 16.28 -31.64
CA VAL A 78 13.73 15.92 -30.83
C VAL A 78 14.46 17.16 -30.35
N LEU A 79 14.90 17.13 -29.09
CA LEU A 79 15.74 18.18 -28.52
C LEU A 79 17.16 18.02 -29.04
N PRO A 80 17.81 19.15 -29.38
CA PRO A 80 19.19 19.21 -29.83
C PRO A 80 20.15 18.37 -29.00
N GLU A 81 20.04 18.43 -27.66
CA GLU A 81 20.92 17.63 -26.80
C GLU A 81 20.68 16.12 -27.02
N VAL A 82 19.44 15.75 -27.31
CA VAL A 82 19.05 14.36 -27.58
C VAL A 82 19.46 13.92 -29.00
N MSE A 83 19.39 14.85 -29.96
CA MSE A 83 19.87 14.57 -31.32
C MSE A 83 21.37 14.24 -31.36
O MSE A 83 21.78 13.44 -32.20
CB MSE A 83 19.58 15.75 -32.27
CG MSE A 83 18.30 15.60 -33.11
SE MSE A 83 18.15 14.00 -34.27
CE MSE A 83 18.85 14.74 -35.94
N ASP A 84 22.15 14.86 -30.49
CA ASP A 84 23.62 14.71 -30.54
C ASP A 84 24.22 13.71 -29.53
N GLY A 85 23.42 13.24 -28.59
CA GLY A 85 23.88 12.23 -27.62
C GLY A 85 24.51 12.82 -26.38
N SER A 86 24.39 14.14 -26.26
CA SER A 86 24.83 14.89 -25.09
C SER A 86 23.89 14.63 -23.90
N TRP A 87 22.59 14.62 -24.18
CA TRP A 87 21.55 14.49 -23.17
C TRP A 87 21.80 13.34 -22.19
N ARG A 88 21.61 13.62 -20.92
CA ARG A 88 21.59 12.60 -19.86
C ARG A 88 20.53 13.03 -18.86
N ILE A 89 19.85 12.07 -18.23
CA ILE A 89 18.81 12.41 -17.25
C ILE A 89 19.41 13.17 -16.07
N SER A 90 18.65 14.16 -15.55
CA SER A 90 19.11 15.01 -14.47
C SER A 90 19.16 14.29 -13.13
N LYS A 91 20.25 14.55 -12.42
CA LYS A 91 20.44 14.02 -11.10
C LYS A 91 20.41 15.18 -10.12
N THR A 92 20.26 14.88 -8.84
CA THR A 92 20.27 15.90 -7.81
C THR A 92 21.47 15.68 -6.89
N ASP A 93 21.75 16.66 -6.04
CA ASP A 93 22.79 16.53 -5.03
C ASP A 93 22.19 16.20 -3.66
N GLY A 94 21.87 14.92 -3.45
CA GLY A 94 21.51 14.39 -2.14
C GLY A 94 20.21 14.91 -1.53
N SER A 95 20.33 15.71 -0.46
CA SER A 95 19.20 16.23 0.32
C SER A 95 18.13 16.88 -0.57
N GLY A 96 16.89 16.40 -0.42
CA GLY A 96 15.80 16.71 -1.35
C GLY A 96 15.23 18.12 -1.30
N MSE A 97 16.13 19.11 -1.34
CA MSE A 97 15.76 20.53 -1.32
C MSE A 97 16.57 21.32 -2.34
O MSE A 97 16.61 22.56 -2.28
CB MSE A 97 15.95 21.11 0.09
N ASP A 98 17.21 20.61 -3.27
CA ASP A 98 18.02 21.21 -4.35
C ASP A 98 17.40 22.47 -4.92
N ARG A 99 18.17 23.55 -4.90
CA ARG A 99 17.71 24.83 -5.43
C ARG A 99 17.95 24.90 -6.94
N LEU A 100 19.02 24.26 -7.41
CA LEU A 100 19.44 24.35 -8.80
C LEU A 100 18.52 23.54 -9.70
N ASN A 101 18.22 22.32 -9.23
CA ASN A 101 17.31 21.43 -9.89
C ASN A 101 15.98 22.17 -10.05
N ALA A 102 15.41 22.57 -8.92
CA ALA A 102 14.13 23.27 -8.89
C ALA A 102 14.15 24.49 -9.79
N GLN A 103 15.33 25.08 -9.92
CA GLN A 103 15.48 26.33 -10.69
C GLN A 103 15.24 26.15 -12.19
N LYS A 104 15.85 25.14 -12.79
CA LYS A 104 15.58 24.77 -14.20
C LYS A 104 14.09 24.47 -14.49
N ALA A 105 13.43 23.73 -13.60
CA ALA A 105 12.01 23.41 -13.77
C ALA A 105 11.14 24.67 -13.70
N TRP A 106 11.40 25.52 -12.70
CA TRP A 106 10.68 26.77 -12.53
C TRP A 106 10.78 27.60 -13.80
N LYS A 107 12.01 27.68 -14.32
CA LYS A 107 12.28 28.32 -15.61
C LYS A 107 11.41 27.76 -16.73
N LEU A 108 11.32 26.43 -16.80
CA LEU A 108 10.51 25.77 -17.81
C LEU A 108 9.01 26.05 -17.67
N LEU A 109 8.54 26.13 -16.44
CA LEU A 109 7.11 26.43 -16.21
C LEU A 109 6.72 27.85 -16.57
N GLN A 110 7.59 28.82 -16.30
CA GLN A 110 7.32 30.19 -16.71
C GLN A 110 7.10 30.30 -18.23
N GLU A 111 7.96 29.62 -19.00
CA GLU A 111 7.85 29.59 -20.46
C GLU A 111 6.52 29.08 -20.91
N ALA A 112 6.05 28.08 -20.19
CA ALA A 112 4.82 27.37 -20.50
C ALA A 112 3.58 28.11 -20.00
N GLY A 113 3.78 29.29 -19.42
CA GLY A 113 2.65 30.09 -18.98
C GLY A 113 2.27 29.98 -17.53
N PHE A 114 3.08 29.28 -16.75
CA PHE A 114 2.76 29.06 -15.34
C PHE A 114 3.24 30.16 -14.42
N THR A 115 2.42 30.47 -13.42
CA THR A 115 2.68 31.55 -12.50
C THR A 115 2.34 31.09 -11.12
N LYS A 116 2.57 31.95 -10.13
CA LYS A 116 2.23 31.57 -8.78
C LYS A 116 1.22 32.54 -8.21
N LYS A 117 0.17 31.97 -7.59
CA LYS A 117 -0.74 32.71 -6.75
C LYS A 117 -0.82 32.13 -5.33
N ASN A 118 -0.53 32.99 -4.35
CA ASN A 118 -0.67 32.64 -2.94
C ASN A 118 0.04 31.33 -2.70
N ASN A 119 1.24 31.24 -3.25
CA ASN A 119 2.13 30.10 -3.06
C ASN A 119 1.77 28.81 -3.80
N ARG A 120 0.76 28.87 -4.65
CA ARG A 120 0.31 27.69 -5.42
C ARG A 120 0.62 27.98 -6.87
N LEU A 121 1.25 27.02 -7.54
CA LEU A 121 1.50 27.11 -8.97
C LEU A 121 0.18 27.06 -9.72
N ILE A 122 0.05 27.90 -10.74
CA ILE A 122 -1.18 28.11 -11.43
C ILE A 122 -0.95 28.04 -12.92
N ALA A 123 -1.86 27.37 -13.61
CA ALA A 123 -1.82 27.24 -15.07
C ALA A 123 -2.19 28.55 -15.74
N PRO A 124 -1.83 28.70 -17.04
CA PRO A 124 -2.16 29.90 -17.79
C PRO A 124 -3.65 30.22 -17.76
N ASN A 125 -4.47 29.21 -17.46
CA ASN A 125 -5.92 29.37 -17.40
C ASN A 125 -6.42 29.68 -15.99
N GLY A 126 -5.49 29.94 -15.08
CA GLY A 126 -5.86 30.22 -13.69
C GLY A 126 -6.15 29.01 -12.81
N LEU A 127 -6.31 27.83 -13.40
CA LEU A 127 -6.55 26.63 -12.58
C LEU A 127 -5.29 26.27 -11.79
N PRO A 128 -5.43 25.79 -10.54
CA PRO A 128 -4.21 25.42 -9.80
C PRO A 128 -3.64 24.08 -10.25
N PHE A 129 -2.32 23.99 -10.22
CA PHE A 129 -1.62 22.78 -10.56
C PHE A 129 -1.76 21.82 -9.37
N GLN A 130 -2.83 21.03 -9.43
CA GLN A 130 -3.11 19.98 -8.48
C GLN A 130 -3.60 18.74 -9.23
N PHE A 131 -3.07 17.58 -8.86
CA PHE A 131 -3.38 16.34 -9.53
C PHE A 131 -3.20 15.15 -8.62
N GLU A 132 -3.70 14.00 -9.05
CA GLU A 132 -3.66 12.79 -8.26
C GLU A 132 -2.69 11.78 -8.87
N ILE A 133 -1.91 11.14 -8.00
CA ILE A 133 -1.08 9.99 -8.38
C ILE A 133 -1.69 8.71 -7.77
N MSE A 134 -2.06 7.79 -8.66
CA MSE A 134 -2.72 6.54 -8.29
C MSE A 134 -1.67 5.46 -8.21
O MSE A 134 -0.98 5.16 -9.18
CB MSE A 134 -3.81 6.17 -9.30
CG MSE A 134 -4.35 4.77 -9.12
SE MSE A 134 -5.84 4.43 -10.31
CE MSE A 134 -7.20 4.88 -9.00
N THR A 135 -1.54 4.87 -7.02
CA THR A 135 -0.58 3.79 -6.85
C THR A 135 -1.32 2.55 -6.44
N GLN A 136 -0.66 1.40 -6.63
CA GLN A 136 -1.22 0.12 -6.26
C GLN A 136 -0.58 -0.49 -5.03
N SER A 137 0.71 -0.22 -4.82
CA SER A 137 1.49 -0.88 -3.76
C SER A 137 2.20 0.10 -2.82
N LEU A 138 2.48 -0.33 -1.59
CA LEU A 138 3.17 0.48 -0.58
C LEU A 138 4.51 1.04 -1.05
N GLU A 139 5.21 0.29 -1.89
CA GLU A 139 6.49 0.71 -2.43
C GLU A 139 6.29 1.87 -3.40
N GLU A 140 5.19 1.85 -4.13
CA GLU A 140 4.91 2.92 -5.09
C GLU A 140 4.49 4.14 -4.30
N GLU A 141 3.69 3.90 -3.26
CA GLU A 141 3.20 5.00 -2.43
C GLU A 141 4.39 5.76 -1.85
N LYS A 142 5.37 5.04 -1.30
CA LYS A 142 6.58 5.71 -0.81
C LYS A 142 7.23 6.58 -1.89
N VAL A 143 7.38 6.04 -3.10
CA VAL A 143 8.05 6.78 -4.17
C VAL A 143 7.23 8.00 -4.59
N ALA A 144 5.91 7.81 -4.67
CA ALA A 144 4.99 8.87 -5.03
C ALA A 144 4.97 9.97 -3.96
N LEU A 145 5.13 9.57 -2.71
CA LEU A 145 5.12 10.51 -1.59
C LEU A 145 6.38 11.34 -1.57
N ALA A 146 7.50 10.72 -1.93
CA ALA A 146 8.74 11.46 -2.14
C ALA A 146 8.62 12.45 -3.29
N PHE A 147 7.97 12.05 -4.38
CA PHE A 147 7.72 12.98 -5.49
C PHE A 147 6.84 14.14 -5.01
N GLN A 148 5.83 13.83 -4.21
CA GLN A 148 4.92 14.84 -3.66
C GLN A 148 5.68 15.98 -2.98
N SER A 149 6.65 15.61 -2.14
CA SER A 149 7.52 16.54 -1.43
C SER A 149 8.35 17.43 -2.36
N ASN A 150 8.95 16.84 -3.38
CA ASN A 150 9.63 17.60 -4.42
C ASN A 150 8.71 18.65 -5.07
N LEU A 151 7.46 18.26 -5.33
CA LEU A 151 6.54 19.11 -6.10
C LEU A 151 5.98 20.24 -5.26
N SER A 152 5.81 19.96 -3.96
CA SER A 152 5.31 20.93 -2.98
CA SER A 152 5.30 20.96 -3.01
C SER A 152 6.23 22.16 -2.93
N ARG A 153 7.52 21.92 -3.10
CA ARG A 153 8.54 22.96 -3.01
C ARG A 153 8.41 24.06 -4.09
N LEU A 154 7.66 23.76 -5.17
CA LEU A 154 7.31 24.75 -6.21
C LEU A 154 5.80 25.01 -6.27
N GLY A 155 5.08 24.71 -5.21
CA GLY A 155 3.65 25.03 -5.15
C GLY A 155 2.74 24.09 -5.91
N ILE A 156 3.25 22.93 -6.30
CA ILE A 156 2.43 21.91 -6.93
C ILE A 156 1.88 20.90 -5.90
N HIS A 157 0.57 20.72 -5.85
CA HIS A 157 0.05 19.71 -4.93
C HIS A 157 -0.29 18.41 -5.66
N ALA A 158 0.45 17.35 -5.33
CA ALA A 158 0.18 16.03 -5.84
C ALA A 158 -0.54 15.24 -4.74
N GLU A 159 -1.75 14.79 -5.04
CA GLU A 159 -2.48 13.93 -4.12
C GLU A 159 -2.06 12.47 -4.40
N ILE A 160 -1.60 11.79 -3.36
CA ILE A 160 -1.19 10.40 -3.48
C ILE A 160 -2.33 9.46 -3.05
N ARG A 161 -2.73 8.56 -3.94
CA ARG A 161 -3.76 7.55 -3.65
C ARG A 161 -3.19 6.15 -3.81
N THR A 162 -3.50 5.26 -2.88
CA THR A 162 -3.30 3.84 -3.10
C THR A 162 -4.64 3.15 -2.97
N VAL A 163 -5.00 2.40 -4.01
CA VAL A 163 -6.30 1.77 -4.12
C VAL A 163 -6.18 0.26 -4.35
N ASP A 164 -7.35 -0.41 -4.33
CA ASP A 164 -7.43 -1.85 -4.60
C ASP A 164 -7.15 -2.17 -6.07
N ASP A 165 -6.94 -3.45 -6.35
CA ASP A 165 -6.58 -3.88 -7.69
C ASP A 165 -7.72 -3.77 -8.71
N SER A 166 -8.93 -4.20 -8.35
CA SER A 166 -10.08 -4.02 -9.24
C SER A 166 -10.15 -2.56 -9.72
N GLN A 167 -10.22 -1.62 -8.78
CA GLN A 167 -10.22 -0.20 -9.12
C GLN A 167 -8.98 0.17 -9.96
N TYR A 168 -7.79 -0.22 -9.50
CA TYR A 168 -6.57 0.16 -10.21
C TYR A 168 -6.61 -0.30 -11.66
N GLN A 169 -7.00 -1.55 -11.88
CA GLN A 169 -7.08 -2.09 -13.23
C GLN A 169 -8.23 -1.49 -14.04
N ASN A 170 -9.33 -1.18 -13.39
CA ASN A 170 -10.46 -0.53 -14.05
C ASN A 170 -10.05 0.82 -14.59
N ARG A 171 -9.29 1.53 -13.76
CA ARG A 171 -8.92 2.89 -14.06
C ARG A 171 -7.78 2.96 -15.08
N LEU A 172 -6.84 2.02 -15.02
CA LEU A 172 -5.88 1.89 -16.12
C LEU A 172 -6.60 1.72 -17.47
N GLY A 173 -7.61 0.86 -17.47
CA GLY A 173 -8.36 0.53 -18.67
C GLY A 173 -9.10 1.71 -19.23
N MSE A 174 -9.61 2.57 -18.33
CA MSE A 174 -10.38 3.74 -18.73
C MSE A 174 -9.53 5.00 -18.91
O MSE A 174 -10.03 6.06 -19.31
CB MSE A 174 -11.49 4.00 -17.71
CG MSE A 174 -12.52 2.88 -17.56
SE MSE A 174 -13.45 2.50 -19.24
CE MSE A 174 -14.97 1.47 -18.55
N PHE A 175 -8.23 4.87 -18.63
CA PHE A 175 -7.33 6.03 -18.54
C PHE A 175 -7.77 7.06 -17.47
N ASN A 176 -8.42 6.56 -16.43
CA ASN A 176 -8.95 7.40 -15.37
C ASN A 176 -7.91 7.70 -14.27
N TYR A 177 -6.94 8.55 -14.61
CA TYR A 177 -5.87 8.88 -13.69
C TYR A 177 -5.16 10.09 -14.23
N ASP A 178 -4.55 10.87 -13.35
CA ASP A 178 -3.68 11.94 -13.80
C ASP A 178 -2.30 11.37 -14.10
N MSE A 179 -1.83 10.50 -13.20
CA MSE A 179 -0.47 9.95 -13.25
C MSE A 179 -0.50 8.60 -12.56
O MSE A 179 -1.23 8.42 -11.59
CB MSE A 179 0.51 10.89 -12.56
CG MSE A 179 1.97 10.54 -12.70
SE MSE A 179 3.18 11.85 -11.90
CE MSE A 179 2.90 13.32 -13.13
N ILE A 180 0.28 7.65 -13.08
CA ILE A 180 0.47 6.36 -12.47
C ILE A 180 1.94 5.95 -12.57
N ILE A 181 2.30 4.87 -11.87
CA ILE A 181 3.57 4.20 -12.10
C ILE A 181 3.31 3.05 -13.04
N GLY A 182 3.87 3.17 -14.24
CA GLY A 182 3.65 2.22 -15.29
C GLY A 182 4.96 1.53 -15.58
N LYS A 183 4.84 0.27 -15.97
CA LYS A 183 5.96 -0.51 -16.41
C LYS A 183 5.61 -1.19 -17.74
N LEU A 184 6.58 -1.23 -18.64
CA LEU A 184 6.39 -1.95 -19.88
C LEU A 184 7.47 -3.02 -19.98
N LYS A 185 7.07 -4.28 -19.91
CA LYS A 185 7.99 -5.39 -20.19
C LYS A 185 8.37 -5.31 -21.67
N ASN A 186 9.60 -4.86 -21.94
CA ASN A 186 10.11 -4.87 -23.32
C ASN A 186 10.13 -6.29 -23.89
N SER A 187 9.80 -6.43 -25.17
CA SER A 187 9.96 -7.70 -25.87
C SER A 187 11.44 -7.91 -26.10
N LEU A 188 11.78 -8.90 -26.92
CA LEU A 188 13.16 -9.11 -27.26
C LEU A 188 13.68 -7.98 -28.15
N SER A 189 13.03 -7.78 -29.30
CA SER A 189 13.24 -6.61 -30.14
C SER A 189 11.90 -5.89 -30.30
N PRO A 190 11.93 -4.57 -30.45
CA PRO A 190 10.63 -3.90 -30.60
C PRO A 190 9.93 -4.39 -31.86
N GLY A 191 8.67 -4.80 -31.70
CA GLY A 191 7.83 -5.23 -32.79
C GLY A 191 6.48 -4.53 -32.73
N ASN A 192 5.45 -5.28 -33.12
CA ASN A 192 4.07 -4.81 -33.21
C ASN A 192 3.51 -4.25 -31.90
N GLU A 193 4.06 -4.69 -30.77
CA GLU A 193 3.56 -4.20 -29.49
C GLU A 193 3.77 -2.68 -29.36
N GLN A 194 4.67 -2.12 -30.17
CA GLN A 194 4.95 -0.69 -30.13
C GLN A 194 3.71 0.10 -30.50
N ILE A 195 2.91 -0.41 -31.43
CA ILE A 195 1.70 0.27 -31.87
C ILE A 195 0.72 0.44 -30.73
N ASN A 196 0.56 -0.62 -29.93
CA ASN A 196 -0.30 -0.62 -28.75
C ASN A 196 0.21 0.36 -27.67
N ARG A 197 1.52 0.57 -27.60
CA ARG A 197 2.08 1.46 -26.56
C ARG A 197 2.06 2.94 -26.93
N TRP A 198 2.41 3.26 -28.16
CA TRP A 198 2.73 4.64 -28.51
C TRP A 198 1.94 5.26 -29.65
N SER A 199 1.21 4.46 -30.42
CA SER A 199 0.61 4.98 -31.64
C SER A 199 -0.56 5.87 -31.25
N SER A 200 -0.86 6.83 -32.13
CA SER A 200 -1.88 7.83 -31.88
C SER A 200 -3.28 7.19 -31.84
N ALA A 201 -3.48 6.21 -32.71
CA ALA A 201 -4.72 5.45 -32.71
C ALA A 201 -5.00 4.79 -31.35
N SER A 202 -3.95 4.29 -30.71
CA SER A 202 -4.10 3.62 -29.43
C SER A 202 -4.29 4.60 -28.30
N ARG A 203 -4.18 5.88 -28.58
CA ARG A 203 -4.47 6.87 -27.53
C ARG A 203 -5.94 6.81 -27.09
N ASN A 204 -6.84 6.59 -28.03
CA ASN A 204 -8.27 6.65 -27.74
C ASN A 204 -9.01 5.31 -27.72
N LEU A 205 -8.26 4.23 -27.45
CA LEU A 205 -8.86 2.90 -27.33
C LEU A 205 -8.57 2.34 -25.92
N LYS A 206 -9.61 2.38 -25.10
CA LYS A 206 -9.58 1.85 -23.77
C LYS A 206 -9.01 0.44 -23.67
N GLY A 207 -8.07 0.27 -22.76
CA GLY A 207 -7.46 -1.03 -22.55
C GLY A 207 -6.22 -1.22 -23.37
N SER A 208 -5.84 -0.19 -24.13
CA SER A 208 -4.54 -0.19 -24.79
C SER A 208 -3.45 0.24 -23.78
N PHE A 209 -2.20 0.05 -24.18
CA PHE A 209 -1.10 0.36 -23.29
C PHE A 209 -0.47 1.70 -23.59
N ASN A 210 -1.20 2.57 -24.29
CA ASN A 210 -0.75 3.94 -24.44
C ASN A 210 -1.21 4.72 -23.23
N PHE A 211 -0.54 4.48 -22.11
CA PHE A 211 -0.90 5.08 -20.83
C PHE A 211 -0.74 6.59 -20.86
N SER A 212 0.26 7.08 -21.58
CA SER A 212 0.51 8.51 -21.64
C SER A 212 -0.41 9.26 -22.62
N GLY A 213 -1.15 8.53 -23.47
CA GLY A 213 -1.99 9.16 -24.50
C GLY A 213 -1.17 9.88 -25.55
N ALA A 214 0.06 9.42 -25.75
CA ALA A 214 0.95 9.96 -26.77
C ALA A 214 0.34 9.83 -28.14
N SER A 215 0.51 10.88 -28.95
CA SER A 215 -0.10 10.97 -30.25
C SER A 215 0.60 12.01 -31.11
N ASP A 216 1.67 11.61 -31.76
CA ASP A 216 2.47 12.46 -32.62
C ASP A 216 2.74 11.69 -33.92
N PRO A 217 2.58 12.38 -35.08
CA PRO A 217 2.91 11.78 -36.38
C PRO A 217 4.35 11.26 -36.45
N ALA A 218 5.24 11.86 -35.68
CA ALA A 218 6.65 11.48 -35.69
C ALA A 218 6.78 10.09 -35.09
N ILE A 219 6.10 9.89 -33.98
CA ILE A 219 6.09 8.61 -33.30
C ILE A 219 5.54 7.50 -34.21
N ASP A 220 4.40 7.76 -34.84
CA ASP A 220 3.79 6.79 -35.73
C ASP A 220 4.70 6.46 -36.90
N ALA A 221 5.28 7.51 -37.50
CA ALA A 221 6.27 7.37 -38.57
C ALA A 221 7.47 6.49 -38.19
N MSE A 222 8.06 6.71 -37.01
CA MSE A 222 9.17 5.87 -36.55
C MSE A 222 8.74 4.41 -36.36
O MSE A 222 9.46 3.50 -36.74
CB MSE A 222 9.78 6.41 -35.26
CG MSE A 222 10.53 7.73 -35.39
SE MSE A 222 11.54 7.90 -37.06
CE MSE A 222 10.23 8.81 -38.19
N ILE A 223 7.54 4.21 -35.80
CA ILE A 223 7.02 2.87 -35.58
C ILE A 223 6.88 2.15 -36.91
N THR A 224 6.36 2.84 -37.91
CA THR A 224 6.24 2.31 -39.25
C THR A 224 7.59 1.98 -39.85
N ALA A 225 8.59 2.80 -39.53
CA ALA A 225 9.96 2.58 -40.01
C ALA A 225 10.62 1.34 -39.39
N ILE A 226 10.37 1.14 -38.10
CA ILE A 226 10.85 -0.03 -37.36
C ILE A 226 10.29 -1.32 -37.98
N LEU A 227 8.97 -1.33 -38.18
CA LEU A 227 8.28 -2.46 -38.79
C LEU A 227 8.59 -2.72 -40.26
N ASP A 228 8.97 -1.68 -41.01
CA ASP A 228 9.30 -1.79 -42.44
C ASP A 228 10.76 -2.15 -42.69
N ALA A 229 11.55 -2.17 -41.63
CA ALA A 229 13.00 -2.33 -41.75
C ALA A 229 13.38 -3.74 -42.17
N HIS A 230 14.31 -3.84 -43.11
CA HIS A 230 14.73 -5.14 -43.63
C HIS A 230 16.22 -5.34 -43.45
N SER A 231 16.84 -4.40 -42.77
CA SER A 231 18.24 -4.54 -42.43
C SER A 231 18.47 -4.08 -41.00
N GLN A 232 19.52 -4.67 -40.43
CA GLN A 232 20.08 -4.30 -39.17
C GLN A 232 20.26 -2.79 -39.02
N VAL A 233 20.89 -2.15 -40.01
CA VAL A 233 21.14 -0.71 -39.96
C VAL A 233 19.83 0.14 -39.90
N ASP A 234 18.84 -0.19 -40.74
CA ASP A 234 17.60 0.58 -40.80
C ASP A 234 16.77 0.42 -39.56
N PHE A 235 16.78 -0.79 -39.00
CA PHE A 235 16.04 -1.09 -37.78
C PHE A 235 16.60 -0.40 -36.54
N ILE A 236 17.92 -0.38 -36.42
CA ILE A 236 18.62 0.29 -35.30
C ILE A 236 18.37 1.79 -35.36
N ALA A 237 18.37 2.36 -36.56
CA ALA A 237 18.13 3.80 -36.72
C ALA A 237 16.68 4.19 -36.41
N ALA A 238 15.74 3.34 -36.79
CA ALA A 238 14.33 3.58 -36.49
C ALA A 238 14.02 3.53 -34.98
N VAL A 239 14.55 2.54 -34.28
CA VAL A 239 14.33 2.43 -32.84
C VAL A 239 15.03 3.57 -32.11
N ARG A 240 16.27 3.83 -32.51
CA ARG A 240 17.05 4.93 -31.93
C ARG A 240 16.33 6.27 -32.13
N ALA A 241 15.79 6.47 -33.32
CA ALA A 241 15.05 7.71 -33.56
C ALA A 241 13.82 7.79 -32.67
N LEU A 242 13.08 6.69 -32.54
CA LEU A 242 11.94 6.65 -31.63
C LEU A 242 12.33 7.00 -30.18
N ASP A 243 13.38 6.37 -29.67
CA ASP A 243 13.89 6.68 -28.33
C ASP A 243 14.09 8.20 -28.15
N ARG A 244 14.59 8.81 -29.19
CA ARG A 244 14.93 10.19 -29.23
C ARG A 244 13.73 11.11 -29.12
N ILE A 245 12.65 10.73 -29.73
CA ILE A 245 11.35 11.37 -29.66
C ILE A 245 10.69 11.15 -28.31
N LEU A 246 10.80 9.97 -27.76
CA LEU A 246 10.10 9.66 -26.54
C LEU A 246 10.80 10.32 -25.37
N ILE A 247 12.12 10.30 -25.40
CA ILE A 247 12.90 11.10 -24.47
C ILE A 247 12.51 12.58 -24.54
N SER A 248 12.38 13.11 -25.75
CA SER A 248 12.09 14.53 -25.92
C SER A 248 10.66 14.86 -25.56
N GLY A 249 9.81 13.84 -25.58
CA GLY A 249 8.44 14.00 -25.16
C GLY A 249 8.21 14.04 -23.67
N SER A 250 9.12 13.47 -22.88
CA SER A 250 8.89 13.29 -21.45
C SER A 250 7.49 12.71 -21.16
N TYR A 251 7.10 11.69 -21.93
CA TYR A 251 5.86 10.96 -21.67
C TYR A 251 5.93 10.20 -20.36
N TYR A 252 7.15 9.89 -19.95
CA TYR A 252 7.40 9.16 -18.71
C TYR A 252 8.36 9.98 -17.90
N ILE A 253 8.31 9.85 -16.58
CA ILE A 253 9.43 10.29 -15.77
C ILE A 253 10.02 8.98 -15.45
N PRO A 254 11.18 8.68 -16.03
CA PRO A 254 11.65 7.30 -15.91
C PRO A 254 12.12 7.04 -14.50
N LEU A 255 11.84 5.83 -14.01
CA LEU A 255 12.29 5.44 -12.69
C LEU A 255 13.57 4.57 -12.79
N TYR A 256 13.51 3.27 -12.54
CA TYR A 256 14.75 2.49 -12.34
C TYR A 256 14.64 1.00 -12.63
N HIS A 257 15.76 0.37 -13.01
CA HIS A 257 15.75 -1.07 -13.27
C HIS A 257 16.47 -1.81 -12.15
N LEU A 258 16.10 -3.09 -11.94
CA LEU A 258 16.64 -3.87 -10.82
C LEU A 258 18.16 -3.82 -10.71
N SER A 259 18.82 -3.57 -11.84
CA SER A 259 20.27 -3.49 -11.95
C SER A 259 20.83 -2.28 -11.19
N ASP B 4 -4.20 -18.39 30.88
CA ASP B 4 -4.58 -16.95 31.01
C ASP B 4 -4.33 -16.19 29.71
N ILE B 5 -5.10 -15.14 29.49
CA ILE B 5 -4.88 -14.26 28.35
C ILE B 5 -5.07 -12.79 28.70
N MSE B 6 -4.06 -11.98 28.39
CA MSE B 6 -4.16 -10.53 28.40
C MSE B 6 -3.94 -10.07 26.98
O MSE B 6 -3.02 -10.55 26.31
CB MSE B 6 -3.10 -9.90 29.32
CG MSE B 6 -2.94 -8.36 29.17
SE MSE B 6 -1.31 -7.57 29.95
CE MSE B 6 0.00 -8.61 29.00
N GLY B 7 -4.78 -9.15 26.52
CA GLY B 7 -4.64 -8.61 25.18
C GLY B 7 -5.21 -7.22 24.94
N PHE B 8 -4.98 -6.73 23.74
CA PHE B 8 -5.68 -5.57 23.24
C PHE B 8 -7.04 -6.07 22.80
N VAL B 9 -8.11 -5.42 23.27
CA VAL B 9 -9.47 -5.80 22.91
C VAL B 9 -10.11 -4.83 21.91
N PHE B 10 -10.32 -5.29 20.67
CA PHE B 10 -11.10 -4.54 19.68
C PHE B 10 -12.54 -4.41 20.12
N ASN B 11 -13.07 -3.18 20.10
CA ASN B 11 -14.51 -3.04 20.25
C ASN B 11 -15.13 -3.21 18.87
N THR B 12 -15.66 -4.40 18.69
CA THR B 12 -16.20 -4.87 17.44
C THR B 12 -17.53 -4.21 17.08
N ARG B 13 -18.16 -3.56 18.06
CA ARG B 13 -19.41 -2.82 17.83
C ARG B 13 -19.11 -1.56 17.05
N ARG B 14 -17.89 -1.03 17.23
CA ARG B 14 -17.44 0.08 16.42
C ARG B 14 -17.16 -0.42 15.01
N THR B 15 -17.65 0.36 14.04
CA THR B 15 -17.55 0.11 12.62
C THR B 15 -16.16 -0.21 12.09
N LEU B 16 -15.15 0.55 12.49
CA LEU B 16 -13.76 0.32 12.07
C LEU B 16 -13.27 -1.09 12.39
N PHE B 17 -13.85 -1.70 13.41
CA PHE B 17 -13.41 -3.01 13.84
C PHE B 17 -14.39 -4.15 13.51
N LYS B 18 -15.47 -3.85 12.79
CA LYS B 18 -16.50 -4.88 12.48
C LYS B 18 -15.98 -6.05 11.67
N ASP B 19 -15.12 -5.77 10.71
CA ASP B 19 -14.60 -6.77 9.76
C ASP B 19 -13.38 -7.49 10.33
N LYS B 20 -13.43 -8.81 10.42
CA LYS B 20 -12.32 -9.58 11.03
C LYS B 20 -10.97 -9.48 10.31
N ARG B 21 -11.00 -9.12 9.03
CA ARG B 21 -9.77 -8.97 8.26
C ARG B 21 -9.01 -7.74 8.72
N VAL B 22 -9.75 -6.70 9.09
CA VAL B 22 -9.17 -5.49 9.65
C VAL B 22 -8.49 -5.84 10.95
N ARG B 23 -9.25 -6.49 11.83
CA ARG B 23 -8.80 -6.83 13.18
C ARG B 23 -7.57 -7.70 13.10
N GLN B 24 -7.56 -8.56 12.11
CA GLN B 24 -6.46 -9.46 11.86
C GLN B 24 -5.23 -8.68 11.42
N ALA B 25 -5.45 -7.73 10.53
CA ALA B 25 -4.40 -6.90 9.99
C ALA B 25 -3.66 -6.17 11.10
N LEU B 26 -4.43 -5.53 11.98
CA LEU B 26 -3.85 -4.70 13.03
C LEU B 26 -3.08 -5.57 13.97
N SER B 27 -3.59 -6.77 14.23
CA SER B 27 -2.92 -7.72 15.11
C SER B 27 -1.51 -8.05 14.59
N ILE B 28 -1.42 -8.26 13.28
CA ILE B 28 -0.12 -8.43 12.63
C ILE B 28 0.75 -7.16 12.75
N LEU B 29 0.14 -5.99 12.78
CA LEU B 29 0.92 -4.75 12.86
C LEU B 29 1.68 -4.56 14.18
N PHE B 30 1.18 -5.17 15.25
CA PHE B 30 1.80 -5.05 16.56
C PHE B 30 3.10 -5.82 16.63
N ASP B 31 4.12 -5.19 17.21
CA ASP B 31 5.45 -5.78 17.31
C ASP B 31 5.86 -6.01 18.76
N PHE B 32 5.56 -7.20 19.27
CA PHE B 32 5.93 -7.59 20.64
C PHE B 32 7.42 -7.67 20.87
N GLU B 33 8.15 -8.07 19.84
CA GLU B 33 9.61 -8.26 19.94
C GLU B 33 10.28 -6.95 20.28
N TRP B 34 9.91 -5.89 19.57
CA TRP B 34 10.37 -4.56 19.91
C TRP B 34 9.99 -4.23 21.34
N VAL B 35 8.74 -4.53 21.72
CA VAL B 35 8.24 -4.17 23.04
C VAL B 35 9.02 -4.87 24.17
N ASN B 36 9.22 -6.17 23.99
CA ASN B 36 10.00 -6.97 24.94
C ASN B 36 11.41 -6.40 25.05
N HIS B 37 11.99 -6.10 23.90
CA HIS B 37 13.34 -5.55 23.84
C HIS B 37 13.44 -4.24 24.62
N HIS B 38 12.68 -3.23 24.19
CA HIS B 38 12.89 -1.85 24.63
C HIS B 38 12.18 -1.42 25.91
N LEU B 39 10.99 -1.95 26.13
CA LEU B 39 10.22 -1.61 27.33
C LEU B 39 10.52 -2.53 28.50
N PHE B 40 10.73 -3.80 28.20
CA PHE B 40 10.66 -4.80 29.24
C PHE B 40 11.94 -5.56 29.50
N ASN B 41 13.01 -5.15 28.80
CA ASN B 41 14.30 -5.69 29.13
C ASN B 41 14.18 -7.23 29.04
N ASN B 42 13.29 -7.69 28.16
CA ASN B 42 13.04 -9.11 27.82
C ASN B 42 12.39 -10.03 28.86
N ILE B 43 11.78 -9.45 29.89
CA ILE B 43 11.19 -10.27 30.95
C ILE B 43 10.07 -11.20 30.42
N TYR B 44 9.23 -10.66 29.54
CA TYR B 44 7.99 -11.30 29.14
C TYR B 44 8.08 -12.33 28.00
N THR B 45 7.00 -13.09 27.81
CA THR B 45 6.87 -14.02 26.68
C THR B 45 5.45 -13.99 26.12
N ARG B 46 5.33 -14.19 24.80
CA ARG B 46 4.10 -13.91 24.07
C ARG B 46 2.97 -14.89 24.39
N THR B 47 1.77 -14.33 24.60
CA THR B 47 0.54 -15.11 24.71
C THR B 47 0.07 -15.31 23.27
N GLU B 48 -0.48 -16.49 22.95
CA GLU B 48 -0.85 -16.76 21.56
C GLU B 48 -2.33 -16.95 21.33
N GLY B 49 -2.96 -17.78 22.17
CA GLY B 49 -4.41 -18.10 22.08
C GLY B 49 -5.09 -18.02 23.44
N TYR B 50 -6.25 -18.66 23.56
CA TYR B 50 -7.09 -18.45 24.75
C TYR B 50 -7.02 -19.50 25.85
N TRP B 51 -6.39 -20.63 25.59
CA TRP B 51 -6.15 -21.62 26.63
C TRP B 51 -4.71 -22.08 26.54
N ASP B 52 -3.84 -21.12 26.26
CA ASP B 52 -2.43 -21.34 25.98
C ASP B 52 -1.74 -22.36 26.87
N GLY B 53 -1.13 -23.35 26.22
CA GLY B 53 -0.31 -24.36 26.89
C GLY B 53 -1.10 -25.26 27.82
N SER B 54 -2.40 -25.39 27.55
CA SER B 54 -3.26 -26.29 28.30
C SER B 54 -3.70 -27.42 27.38
N ILE B 55 -4.29 -28.46 27.97
CA ILE B 55 -4.93 -29.55 27.20
C ILE B 55 -6.03 -28.99 26.28
N LEU B 56 -6.58 -27.84 26.67
CA LEU B 56 -7.69 -27.21 25.94
C LEU B 56 -7.24 -26.29 24.80
N SER B 57 -5.93 -26.11 24.66
CA SER B 57 -5.40 -25.25 23.61
C SER B 57 -5.53 -25.96 22.27
N SER B 58 -5.98 -25.22 21.27
CA SER B 58 -6.09 -25.73 19.92
C SER B 58 -4.73 -25.68 19.24
N ILE B 59 -3.78 -25.02 19.89
CA ILE B 59 -2.57 -24.54 19.20
C ILE B 59 -1.74 -25.62 18.51
N GLY B 60 -1.06 -26.48 19.27
CA GLY B 60 -0.18 -27.47 18.64
C GLY B 60 -0.92 -28.54 17.85
N LYS B 61 -2.23 -28.64 18.10
CA LYS B 61 -3.02 -29.80 17.71
C LYS B 61 -3.80 -29.59 16.42
N PRO B 62 -3.71 -30.55 15.47
CA PRO B 62 -4.62 -30.54 14.33
C PRO B 62 -6.03 -30.84 14.83
N ALA B 63 -7.03 -30.23 14.20
CA ALA B 63 -8.42 -30.44 14.61
C ALA B 63 -8.79 -31.91 14.59
N SER B 64 -9.43 -32.37 15.66
CA SER B 64 -9.93 -33.75 15.79
C SER B 64 -11.15 -33.93 14.89
N GLU B 65 -11.54 -35.20 14.74
CA GLU B 65 -12.75 -35.56 14.01
C GLU B 65 -13.98 -34.92 14.66
N GLU B 66 -13.98 -34.86 15.98
CA GLU B 66 -15.09 -34.24 16.72
C GLU B 66 -15.15 -32.71 16.58
N GLU B 67 -14.02 -32.06 16.34
CA GLU B 67 -14.00 -30.61 16.15
C GLU B 67 -14.55 -30.26 14.77
N LYS B 68 -14.19 -31.07 13.77
CA LYS B 68 -14.71 -30.89 12.41
C LYS B 68 -16.24 -31.02 12.36
N ALA B 69 -16.77 -31.99 13.10
CA ALA B 69 -18.22 -32.23 13.19
C ALA B 69 -18.93 -31.04 13.82
N LEU B 70 -18.34 -30.51 14.88
CA LEU B 70 -18.84 -29.26 15.47
C LEU B 70 -18.77 -28.03 14.55
N LEU B 71 -17.78 -27.98 13.67
CA LEU B 71 -17.52 -26.77 12.86
C LEU B 71 -18.07 -26.77 11.42
N ALA B 72 -18.49 -27.94 10.92
CA ALA B 72 -19.00 -28.07 9.56
C ALA B 72 -20.13 -27.10 9.20
N PRO B 73 -21.07 -26.84 10.14
CA PRO B 73 -22.12 -25.84 9.88
C PRO B 73 -21.62 -24.41 9.72
N TYR B 74 -20.35 -24.16 10.02
CA TYR B 74 -19.81 -22.78 9.97
C TYR B 74 -18.51 -22.80 9.20
N PRO B 75 -18.61 -22.69 7.85
CA PRO B 75 -17.42 -22.78 7.01
C PRO B 75 -16.55 -21.50 7.02
N ASP B 76 -17.03 -20.42 7.64
CA ASP B 76 -16.26 -19.16 7.65
C ASP B 76 -15.58 -18.89 8.99
N ALA B 77 -15.92 -19.73 9.98
CA ALA B 77 -15.48 -19.52 11.35
C ALA B 77 -13.98 -19.68 11.57
N VAL B 78 -13.35 -20.65 10.92
CA VAL B 78 -11.96 -20.98 11.23
C VAL B 78 -11.03 -20.94 10.02
N LEU B 79 -9.95 -20.18 10.17
CA LEU B 79 -8.89 -20.18 9.19
C LEU B 79 -8.25 -21.59 9.11
N PRO B 80 -7.99 -22.06 7.87
CA PRO B 80 -7.34 -23.34 7.62
C PRO B 80 -6.04 -23.50 8.40
N GLU B 81 -5.29 -22.41 8.58
CA GLU B 81 -4.06 -22.43 9.36
C GLU B 81 -4.29 -22.82 10.83
N VAL B 82 -5.45 -22.43 11.36
CA VAL B 82 -5.81 -22.74 12.74
C VAL B 82 -6.38 -24.15 12.82
N MSE B 83 -7.12 -24.54 11.77
CA MSE B 83 -7.59 -25.91 11.58
C MSE B 83 -6.44 -26.92 11.49
O MSE B 83 -6.53 -28.02 12.03
CB MSE B 83 -8.46 -26.01 10.31
CG MSE B 83 -9.92 -25.68 10.51
SE MSE B 83 -10.83 -26.94 11.71
CE MSE B 83 -12.62 -26.87 10.91
N ASP B 84 -5.38 -26.53 10.78
CA ASP B 84 -4.22 -27.40 10.57
C ASP B 84 -3.38 -27.54 11.83
N GLY B 85 -3.34 -26.47 12.62
CA GLY B 85 -2.57 -26.47 13.85
C GLY B 85 -1.13 -26.10 13.60
N SER B 86 -0.84 -25.66 12.38
CA SER B 86 0.43 -25.04 12.03
C SER B 86 0.47 -23.56 12.47
N TRP B 87 -0.70 -23.00 12.76
CA TRP B 87 -0.81 -21.57 13.11
C TRP B 87 -0.10 -21.22 14.42
N ARG B 88 0.61 -20.09 14.37
CA ARG B 88 1.33 -19.55 15.50
C ARG B 88 1.28 -18.04 15.35
N ILE B 89 1.13 -17.32 16.45
CA ILE B 89 1.07 -15.87 16.37
C ILE B 89 2.28 -15.38 15.56
N SER B 90 2.08 -14.35 14.74
CA SER B 90 3.15 -13.85 13.86
C SER B 90 4.27 -13.16 14.64
N LYS B 91 5.48 -13.24 14.11
CA LYS B 91 6.66 -12.67 14.73
C LYS B 91 7.55 -12.05 13.66
N ASP B 98 8.65 -7.16 9.50
CA ASP B 98 8.43 -5.72 9.52
C ASP B 98 7.71 -5.26 8.25
N ARG B 99 8.47 -4.97 7.21
CA ARG B 99 7.93 -4.66 5.89
C ARG B 99 7.24 -5.90 5.33
N LEU B 100 7.71 -7.07 5.78
CA LEU B 100 7.02 -8.33 5.52
C LEU B 100 5.61 -8.27 6.10
N ASN B 101 5.53 -8.09 7.42
CA ASN B 101 4.25 -7.98 8.15
C ASN B 101 3.30 -6.91 7.60
N ALA B 102 3.87 -5.74 7.26
CA ALA B 102 3.08 -4.62 6.80
C ALA B 102 2.39 -4.94 5.47
N GLN B 103 3.07 -5.70 4.61
CA GLN B 103 2.46 -6.20 3.38
C GLN B 103 1.24 -7.06 3.72
N LYS B 104 1.45 -8.06 4.59
CA LYS B 104 0.38 -8.93 5.07
C LYS B 104 -0.82 -8.11 5.52
N ALA B 105 -0.55 -7.13 6.38
CA ALA B 105 -1.60 -6.25 6.86
C ALA B 105 -2.28 -5.51 5.72
N TRP B 106 -1.48 -4.93 4.83
CA TRP B 106 -2.00 -4.16 3.70
C TRP B 106 -2.91 -5.00 2.78
N LYS B 107 -2.54 -6.24 2.51
CA LYS B 107 -3.37 -7.16 1.73
C LYS B 107 -4.80 -7.31 2.30
N LEU B 108 -4.89 -7.47 3.61
CA LEU B 108 -6.15 -7.70 4.31
C LEU B 108 -7.05 -6.47 4.30
N LEU B 109 -6.46 -5.34 4.71
CA LEU B 109 -7.14 -4.06 4.73
C LEU B 109 -7.55 -3.68 3.31
N GLN B 110 -6.73 -4.06 2.35
CA GLN B 110 -7.05 -3.81 0.95
C GLN B 110 -8.33 -4.55 0.57
N GLU B 111 -8.38 -5.83 0.92
CA GLU B 111 -9.53 -6.69 0.62
C GLU B 111 -10.79 -6.28 1.37
N ALA B 112 -10.62 -5.64 2.54
CA ALA B 112 -11.77 -5.23 3.37
C ALA B 112 -12.40 -3.90 2.92
N GLY B 113 -11.82 -3.31 1.87
CA GLY B 113 -12.38 -2.10 1.24
C GLY B 113 -11.64 -0.81 1.58
N PHE B 114 -10.43 -0.94 2.10
CA PHE B 114 -9.63 0.20 2.56
C PHE B 114 -8.65 0.69 1.50
N THR B 115 -8.27 1.96 1.62
CA THR B 115 -7.35 2.61 0.67
C THR B 115 -6.43 3.62 1.36
N LYS B 116 -5.42 4.10 0.65
CA LYS B 116 -4.46 5.07 1.20
C LYS B 116 -4.50 6.40 0.44
N LYS B 117 -4.66 7.49 1.18
CA LYS B 117 -4.69 8.85 0.62
C LYS B 117 -3.72 9.73 1.38
N ASN B 118 -2.77 10.30 0.66
CA ASN B 118 -1.67 11.06 1.26
C ASN B 118 -1.14 10.41 2.55
N ASN B 119 -0.75 9.15 2.42
CA ASN B 119 -0.13 8.37 3.51
C ASN B 119 -1.07 8.05 4.69
N ARG B 120 -2.38 8.14 4.45
CA ARG B 120 -3.35 7.88 5.49
C ARG B 120 -4.29 6.80 5.00
N LEU B 121 -4.60 5.86 5.89
CA LEU B 121 -5.50 4.79 5.55
C LEU B 121 -6.90 5.33 5.65
N ILE B 122 -7.71 4.96 4.66
CA ILE B 122 -9.07 5.47 4.48
C ILE B 122 -10.09 4.32 4.45
N ALA B 123 -11.27 4.55 5.01
CA ALA B 123 -12.38 3.61 4.90
C ALA B 123 -13.04 3.74 3.53
N PRO B 124 -13.86 2.73 3.13
CA PRO B 124 -14.55 2.73 1.86
C PRO B 124 -15.40 3.97 1.60
N ASN B 125 -15.92 4.60 2.66
CA ASN B 125 -16.76 5.78 2.47
C ASN B 125 -15.97 7.09 2.59
N GLY B 126 -14.67 6.96 2.84
CA GLY B 126 -13.76 8.11 2.89
C GLY B 126 -13.22 8.50 4.26
N LEU B 127 -13.88 8.07 5.33
CA LEU B 127 -13.49 8.45 6.69
C LEU B 127 -12.13 7.85 7.05
N PRO B 128 -11.15 8.69 7.47
CA PRO B 128 -9.80 8.25 7.87
C PRO B 128 -9.79 7.28 9.04
N PHE B 129 -8.83 6.36 9.03
CA PHE B 129 -8.71 5.29 10.06
C PHE B 129 -8.09 5.80 11.37
N GLN B 130 -8.97 6.10 12.33
CA GLN B 130 -8.58 6.75 13.58
C GLN B 130 -9.38 6.19 14.75
N PHE B 131 -8.71 5.95 15.88
CA PHE B 131 -9.40 5.44 17.06
C PHE B 131 -8.58 5.62 18.36
N GLU B 132 -9.23 5.32 19.47
CA GLU B 132 -8.69 5.67 20.75
C GLU B 132 -8.37 4.36 21.44
N ILE B 133 -7.17 4.26 21.99
CA ILE B 133 -6.88 3.17 22.89
C ILE B 133 -6.98 3.71 24.30
N MSE B 134 -7.84 3.11 25.09
CA MSE B 134 -8.07 3.60 26.41
C MSE B 134 -7.30 2.78 27.39
O MSE B 134 -7.29 1.56 27.33
CB MSE B 134 -9.56 3.63 26.77
CG MSE B 134 -9.82 4.20 28.13
SE MSE B 134 -11.69 4.26 28.52
CE MSE B 134 -12.10 2.37 28.97
N THR B 135 -6.69 3.48 28.33
CA THR B 135 -5.68 2.92 29.19
C THR B 135 -5.94 3.38 30.61
N GLN B 136 -5.64 2.50 31.56
CA GLN B 136 -5.93 2.75 32.97
C GLN B 136 -4.66 2.87 33.80
N SER B 137 -3.55 2.35 33.27
CA SER B 137 -2.25 2.44 33.93
C SER B 137 -1.15 3.01 33.03
N LEU B 138 -0.12 3.59 33.64
CA LEU B 138 1.00 4.14 32.90
C LEU B 138 1.81 3.07 32.15
N GLU B 139 1.73 1.83 32.61
CA GLU B 139 2.50 0.77 31.98
C GLU B 139 1.79 0.31 30.72
N GLU B 140 0.46 0.17 30.83
CA GLU B 140 -0.39 -0.08 29.67
C GLU B 140 -0.19 1.01 28.63
N GLU B 141 -0.20 2.25 29.09
CA GLU B 141 0.09 3.42 28.25
C GLU B 141 1.34 3.19 27.41
N LYS B 142 2.38 2.65 28.03
CA LYS B 142 3.63 2.46 27.30
C LYS B 142 3.48 1.43 26.19
N VAL B 143 2.78 0.34 26.48
CA VAL B 143 2.55 -0.73 25.50
C VAL B 143 1.77 -0.20 24.31
N ALA B 144 0.71 0.56 24.59
CA ALA B 144 -0.06 1.27 23.58
C ALA B 144 0.75 2.31 22.78
N LEU B 145 1.69 3.00 23.41
CA LEU B 145 2.49 3.96 22.65
C LEU B 145 3.35 3.29 21.59
N ALA B 146 3.90 2.12 21.96
CA ALA B 146 4.65 1.26 21.04
C ALA B 146 3.76 0.78 19.88
N PHE B 147 2.57 0.26 20.21
CA PHE B 147 1.59 -0.12 19.19
C PHE B 147 1.27 1.07 18.26
N GLN B 148 1.09 2.26 18.85
CA GLN B 148 0.88 3.49 18.07
C GLN B 148 1.96 3.74 17.01
N SER B 149 3.23 3.50 17.33
CA SER B 149 4.28 3.66 16.30
C SER B 149 4.08 2.67 15.15
N ASN B 150 3.70 1.42 15.48
CA ASN B 150 3.50 0.40 14.44
C ASN B 150 2.35 0.76 13.53
N LEU B 151 1.27 1.27 14.11
CA LEU B 151 0.09 1.62 13.31
C LEU B 151 0.32 2.85 12.41
N SER B 152 1.18 3.77 12.85
CA SER B 152 1.62 4.93 12.03
C SER B 152 2.24 4.51 10.72
N ARG B 153 3.06 3.45 10.76
CA ARG B 153 3.80 2.99 9.59
C ARG B 153 2.87 2.55 8.44
N LEU B 154 1.59 2.34 8.78
CA LEU B 154 0.55 2.06 7.81
C LEU B 154 -0.53 3.14 7.69
N GLY B 155 -0.25 4.34 8.19
CA GLY B 155 -1.20 5.43 8.09
C GLY B 155 -2.45 5.31 8.94
N ILE B 156 -2.37 4.46 9.96
CA ILE B 156 -3.45 4.36 10.94
C ILE B 156 -3.00 5.15 12.15
N HIS B 157 -3.86 6.05 12.63
CA HIS B 157 -3.51 6.86 13.79
C HIS B 157 -4.31 6.42 14.98
N ALA B 158 -3.61 5.98 16.02
CA ALA B 158 -4.30 5.62 17.24
C ALA B 158 -3.93 6.64 18.31
N GLU B 159 -4.95 7.27 18.88
CA GLU B 159 -4.79 8.15 20.02
C GLU B 159 -4.70 7.36 21.32
N ILE B 160 -3.70 7.63 22.14
CA ILE B 160 -3.57 6.90 23.41
C ILE B 160 -4.04 7.72 24.63
N ARG B 161 -5.05 7.22 25.32
CA ARG B 161 -5.56 7.88 26.53
C ARG B 161 -5.34 7.04 27.77
N THR B 162 -4.89 7.70 28.85
CA THR B 162 -4.80 7.09 30.17
C THR B 162 -5.78 7.84 31.08
N VAL B 163 -6.68 7.11 31.71
CA VAL B 163 -7.74 7.77 32.46
C VAL B 163 -7.82 7.34 33.91
N ASP B 164 -8.57 8.09 34.71
CA ASP B 164 -8.84 7.75 36.12
C ASP B 164 -9.65 6.44 36.23
N ASP B 165 -9.45 5.75 37.34
CA ASP B 165 -10.11 4.48 37.63
C ASP B 165 -11.63 4.59 37.51
N SER B 166 -12.20 5.69 38.02
CA SER B 166 -13.66 5.93 37.90
C SER B 166 -14.12 5.96 36.45
N GLN B 167 -13.42 6.77 35.64
CA GLN B 167 -13.78 6.94 34.23
C GLN B 167 -13.60 5.65 33.43
N TYR B 168 -12.56 4.89 33.74
CA TYR B 168 -12.28 3.63 33.06
C TYR B 168 -13.36 2.56 33.34
N GLN B 169 -13.81 2.48 34.58
CA GLN B 169 -14.81 1.48 34.95
C GLN B 169 -16.18 1.89 34.41
N ASN B 170 -16.46 3.19 34.34
CA ASN B 170 -17.76 3.60 33.85
C ASN B 170 -17.85 3.37 32.35
N ARG B 171 -16.72 3.56 31.67
CA ARG B 171 -16.68 3.44 30.24
C ARG B 171 -16.54 1.98 29.84
N LEU B 172 -16.04 1.17 30.76
CA LEU B 172 -15.94 -0.25 30.54
C LEU B 172 -17.34 -0.85 30.57
N GLY B 173 -18.12 -0.47 31.58
CA GLY B 173 -19.54 -0.82 31.67
C GLY B 173 -20.36 -0.46 30.44
N MSE B 174 -20.12 0.73 29.90
CA MSE B 174 -20.91 1.25 28.80
C MSE B 174 -20.42 0.74 27.45
O MSE B 174 -21.08 0.97 26.43
CB MSE B 174 -20.85 2.79 28.78
CG MSE B 174 -21.39 3.45 30.04
SE MSE B 174 -23.32 3.47 30.00
CE MSE B 174 -23.73 3.68 31.91
N PHE B 175 -19.28 0.07 27.45
CA PHE B 175 -18.55 -0.31 26.22
C PHE B 175 -18.19 0.95 25.39
N ASN B 176 -17.80 2.00 26.08
CA ASN B 176 -17.49 3.25 25.42
C ASN B 176 -15.97 3.35 25.27
N TYR B 177 -15.45 2.63 24.28
CA TYR B 177 -14.03 2.65 23.89
C TYR B 177 -13.95 2.08 22.50
N ASP B 178 -12.82 2.29 21.84
CA ASP B 178 -12.54 1.64 20.58
C ASP B 178 -11.68 0.41 20.86
N MSE B 179 -10.76 0.56 21.81
CA MSE B 179 -9.82 -0.47 22.15
C MSE B 179 -9.39 -0.29 23.60
O MSE B 179 -9.19 0.81 24.07
CB MSE B 179 -8.63 -0.44 21.20
CG MSE B 179 -7.71 -1.60 21.39
SE MSE B 179 -6.15 -1.61 20.26
CE MSE B 179 -6.98 -2.11 18.57
N ILE B 180 -9.33 -1.40 24.35
CA ILE B 180 -8.76 -1.39 25.68
C ILE B 180 -7.68 -2.44 25.73
N ILE B 181 -7.03 -2.53 26.89
CA ILE B 181 -6.26 -3.71 27.28
C ILE B 181 -7.04 -4.46 28.38
N GLY B 182 -7.26 -5.75 28.18
CA GLY B 182 -8.14 -6.52 29.07
C GLY B 182 -7.62 -7.90 29.36
N LYS B 183 -7.94 -8.40 30.55
CA LYS B 183 -7.52 -9.74 30.95
C LYS B 183 -8.70 -10.69 31.13
N LEU B 184 -8.55 -11.92 30.66
CA LEU B 184 -9.50 -12.98 30.97
C LEU B 184 -8.82 -14.01 31.86
N LYS B 185 -9.38 -14.20 33.06
CA LYS B 185 -8.88 -15.21 34.00
C LYS B 185 -9.34 -16.60 33.57
N ASN B 186 -8.39 -17.50 33.41
CA ASN B 186 -8.74 -18.87 33.06
C ASN B 186 -8.81 -19.74 34.31
N SER B 187 -9.93 -19.59 35.02
CA SER B 187 -10.26 -20.36 36.22
C SER B 187 -9.74 -21.81 36.19
N LEU B 188 -10.66 -22.76 36.03
CA LEU B 188 -10.25 -24.15 35.97
C LEU B 188 -10.53 -24.67 34.57
N SER B 189 -11.70 -25.30 34.38
CA SER B 189 -12.21 -25.54 33.05
C SER B 189 -13.28 -24.49 32.73
N PRO B 190 -13.42 -24.11 31.45
CA PRO B 190 -14.46 -23.16 31.09
C PRO B 190 -15.84 -23.70 31.43
N GLY B 191 -16.71 -22.80 31.88
CA GLY B 191 -18.05 -23.13 32.31
C GLY B 191 -19.01 -22.01 31.92
N ASN B 192 -19.93 -21.68 32.83
CA ASN B 192 -21.00 -20.74 32.52
C ASN B 192 -20.47 -19.39 32.14
N GLU B 193 -19.35 -19.01 32.77
CA GLU B 193 -18.72 -17.69 32.63
C GLU B 193 -18.45 -17.31 31.17
N GLN B 194 -18.31 -18.32 30.31
CA GLN B 194 -18.15 -18.09 28.87
C GLN B 194 -19.32 -17.32 28.20
N ILE B 195 -20.55 -17.48 28.74
CA ILE B 195 -21.74 -16.82 28.22
C ILE B 195 -21.61 -15.29 28.33
N ASN B 196 -21.19 -14.85 29.52
CA ASN B 196 -20.92 -13.46 29.86
C ASN B 196 -19.76 -12.88 29.07
N ARG B 197 -18.78 -13.72 28.73
CA ARG B 197 -17.57 -13.26 28.03
C ARG B 197 -17.74 -13.20 26.52
N TRP B 198 -18.49 -14.12 25.92
CA TRP B 198 -18.50 -14.25 24.47
C TRP B 198 -19.85 -14.38 23.78
N SER B 199 -20.95 -14.58 24.49
CA SER B 199 -22.20 -14.88 23.79
C SER B 199 -22.88 -13.64 23.20
N SER B 200 -23.59 -13.87 22.08
CA SER B 200 -24.45 -12.87 21.42
C SER B 200 -25.27 -12.04 22.37
N ALA B 201 -25.88 -12.69 23.35
CA ALA B 201 -26.72 -11.99 24.31
C ALA B 201 -25.89 -11.03 25.15
N SER B 202 -24.65 -11.38 25.45
CA SER B 202 -23.80 -10.51 26.28
C SER B 202 -23.36 -9.22 25.57
N ARG B 203 -23.38 -9.22 24.24
CA ARG B 203 -22.93 -8.06 23.48
C ARG B 203 -23.63 -6.74 23.84
N ASN B 204 -24.97 -6.72 23.85
CA ASN B 204 -25.72 -5.50 24.16
C ASN B 204 -25.99 -5.22 25.66
N LEU B 205 -25.44 -6.03 26.55
CA LEU B 205 -25.69 -5.82 27.97
C LEU B 205 -24.50 -5.12 28.63
N LYS B 206 -24.71 -3.86 28.99
CA LYS B 206 -23.74 -3.08 29.72
C LYS B 206 -23.47 -3.75 31.05
N GLY B 207 -22.19 -3.93 31.37
CA GLY B 207 -21.79 -4.68 32.56
C GLY B 207 -21.35 -6.10 32.28
N SER B 208 -21.58 -6.58 31.05
CA SER B 208 -21.09 -7.92 30.65
C SER B 208 -19.59 -7.86 30.38
N PHE B 209 -18.99 -9.03 30.18
CA PHE B 209 -17.58 -9.13 30.00
C PHE B 209 -17.26 -9.46 28.55
N ASN B 210 -18.25 -9.34 27.68
CA ASN B 210 -18.02 -9.36 26.25
C ASN B 210 -17.47 -8.00 25.79
N PHE B 211 -16.27 -7.69 26.26
CA PHE B 211 -15.65 -6.42 25.96
C PHE B 211 -15.45 -6.23 24.46
N SER B 212 -15.22 -7.34 23.76
CA SER B 212 -15.10 -7.30 22.31
C SER B 212 -16.46 -7.18 21.64
N GLY B 213 -17.52 -7.62 22.30
CA GLY B 213 -18.86 -7.60 21.65
C GLY B 213 -19.01 -8.64 20.54
N ALA B 214 -18.35 -9.79 20.72
CA ALA B 214 -18.54 -10.92 19.76
C ALA B 214 -19.99 -11.36 19.69
N SER B 215 -20.47 -11.59 18.47
CA SER B 215 -21.84 -11.99 18.17
C SER B 215 -21.79 -12.84 16.89
N ASP B 216 -21.51 -14.13 17.08
CA ASP B 216 -21.43 -15.11 16.00
C ASP B 216 -22.17 -16.39 16.48
N PRO B 217 -23.11 -16.92 15.67
CA PRO B 217 -23.74 -18.22 15.96
C PRO B 217 -22.74 -19.36 16.19
N ALA B 218 -21.59 -19.30 15.54
CA ALA B 218 -20.57 -20.35 15.70
C ALA B 218 -19.99 -20.39 17.11
N ILE B 219 -19.80 -19.21 17.71
CA ILE B 219 -19.30 -19.17 19.08
C ILE B 219 -20.41 -19.55 20.05
N ASP B 220 -21.59 -19.01 19.80
CA ASP B 220 -22.77 -19.42 20.55
C ASP B 220 -22.93 -20.95 20.60
N ALA B 221 -22.76 -21.60 19.45
CA ALA B 221 -22.95 -23.03 19.37
C ALA B 221 -21.81 -23.79 20.07
N MSE B 222 -20.61 -23.24 19.96
CA MSE B 222 -19.45 -23.86 20.61
C MSE B 222 -19.56 -23.80 22.13
O MSE B 222 -19.27 -24.79 22.82
CB MSE B 222 -18.15 -23.25 20.12
CG MSE B 222 -17.28 -24.15 19.28
SE MSE B 222 -18.17 -25.49 18.15
CE MSE B 222 -16.58 -26.26 17.41
N ILE B 223 -20.03 -22.68 22.64
CA ILE B 223 -20.20 -22.49 24.08
C ILE B 223 -21.26 -23.47 24.62
N THR B 224 -22.32 -23.66 23.83
CA THR B 224 -23.41 -24.56 24.15
C THR B 224 -22.85 -25.99 24.31
N ALA B 225 -22.02 -26.42 23.36
CA ALA B 225 -21.40 -27.74 23.39
C ALA B 225 -20.48 -27.89 24.59
N ILE B 226 -19.71 -26.85 24.91
CA ILE B 226 -18.87 -26.86 26.11
C ILE B 226 -19.73 -27.14 27.34
N LEU B 227 -20.84 -26.43 27.43
CA LEU B 227 -21.75 -26.57 28.57
C LEU B 227 -22.55 -27.87 28.55
N ASP B 228 -22.90 -28.34 27.35
CA ASP B 228 -23.73 -29.53 27.20
C ASP B 228 -22.94 -30.84 27.22
N ALA B 229 -21.62 -30.74 27.11
CA ALA B 229 -20.76 -31.90 26.88
C ALA B 229 -20.85 -32.86 28.04
N HIS B 230 -20.84 -34.15 27.74
CA HIS B 230 -20.91 -35.17 28.78
C HIS B 230 -19.75 -36.14 28.75
N SER B 231 -18.74 -35.83 27.95
CA SER B 231 -17.47 -36.55 28.04
C SER B 231 -16.28 -35.61 27.86
N GLN B 232 -15.15 -36.03 28.44
CA GLN B 232 -13.89 -35.32 28.35
C GLN B 232 -13.53 -35.11 26.88
N VAL B 233 -13.81 -36.11 26.05
CA VAL B 233 -13.58 -35.97 24.61
C VAL B 233 -14.47 -34.89 23.98
N ASP B 234 -15.76 -34.83 24.35
CA ASP B 234 -16.68 -33.79 23.80
C ASP B 234 -16.34 -32.40 24.34
N PHE B 235 -15.89 -32.37 25.59
CA PHE B 235 -15.57 -31.13 26.28
C PHE B 235 -14.29 -30.56 25.72
N ILE B 236 -13.24 -31.37 25.75
CA ILE B 236 -11.95 -30.96 25.25
C ILE B 236 -12.09 -30.38 23.82
N ALA B 237 -12.84 -31.07 22.96
CA ALA B 237 -12.97 -30.66 21.55
C ALA B 237 -13.70 -29.34 21.42
N ALA B 238 -14.84 -29.23 22.10
CA ALA B 238 -15.63 -28.01 22.04
C ALA B 238 -14.79 -26.78 22.42
N VAL B 239 -14.05 -26.89 23.53
CA VAL B 239 -13.19 -25.81 23.95
C VAL B 239 -12.15 -25.51 22.87
N ARG B 240 -11.52 -26.56 22.36
CA ARG B 240 -10.53 -26.38 21.29
C ARG B 240 -11.15 -25.75 20.04
N ALA B 241 -12.33 -26.21 19.67
CA ALA B 241 -13.04 -25.61 18.55
C ALA B 241 -13.37 -24.14 18.81
N LEU B 242 -13.61 -23.80 20.08
CA LEU B 242 -13.87 -22.40 20.45
C LEU B 242 -12.60 -21.58 20.30
N ASP B 243 -11.54 -22.06 20.95
CA ASP B 243 -10.21 -21.47 20.80
C ASP B 243 -9.96 -21.11 19.33
N ARG B 244 -10.39 -21.99 18.42
CA ARG B 244 -10.08 -21.92 16.99
C ARG B 244 -10.81 -20.80 16.27
N ILE B 245 -12.02 -20.52 16.72
CA ILE B 245 -12.82 -19.45 16.18
C ILE B 245 -12.30 -18.11 16.73
N LEU B 246 -11.89 -18.12 17.99
CA LEU B 246 -11.43 -16.94 18.67
C LEU B 246 -10.08 -16.45 18.18
N ILE B 247 -9.15 -17.38 17.93
CA ILE B 247 -7.87 -16.99 17.34
C ILE B 247 -8.11 -16.41 15.95
N SER B 248 -8.94 -17.10 15.16
CA SER B 248 -9.24 -16.67 13.79
C SER B 248 -10.02 -15.37 13.73
N GLY B 249 -10.80 -15.09 14.78
CA GLY B 249 -11.63 -13.90 14.88
C GLY B 249 -10.83 -12.62 15.16
N SER B 250 -9.67 -12.76 15.80
CA SER B 250 -8.78 -11.63 16.13
C SER B 250 -9.55 -10.61 16.96
N TYR B 251 -10.33 -11.12 17.90
CA TYR B 251 -11.09 -10.32 18.84
C TYR B 251 -10.14 -9.67 19.79
N TYR B 252 -9.06 -10.37 20.08
CA TYR B 252 -8.02 -9.91 20.96
C TYR B 252 -6.78 -9.75 20.11
N ILE B 253 -5.93 -8.77 20.43
CA ILE B 253 -4.52 -8.86 20.05
C ILE B 253 -3.90 -9.37 21.34
N PRO B 254 -3.42 -10.61 21.33
CA PRO B 254 -2.94 -11.27 22.53
C PRO B 254 -1.59 -10.67 22.88
N LEU B 255 -1.36 -10.37 24.15
CA LEU B 255 -0.13 -9.74 24.52
C LEU B 255 0.87 -10.75 25.07
N TYR B 256 1.16 -10.66 26.37
CA TYR B 256 2.27 -11.38 26.94
C TYR B 256 2.07 -11.84 28.39
N HIS B 257 2.92 -12.75 28.84
CA HIS B 257 2.89 -13.19 30.24
C HIS B 257 4.32 -13.47 30.71
N LEU B 258 4.51 -13.41 32.03
CA LEU B 258 5.78 -13.84 32.67
C LEU B 258 5.78 -15.37 32.80
N SER B 259 6.64 -16.02 32.02
CA SER B 259 6.71 -17.49 31.93
C SER B 259 6.72 -18.20 33.29
C1 EOH C . 2.58 4.99 -22.93
C2 EOH C . 3.53 3.93 -23.53
O EOH C . 2.36 6.12 -23.76
C1 EOH D . -8.49 11.11 -10.66
C2 EOH D . -8.73 10.62 -12.10
O EOH D . -8.88 12.49 -10.45
C1 EOH E . 1.78 33.53 -19.58
C2 EOH E . 0.41 32.84 -19.86
O EOH E . 1.83 33.96 -18.22
C1 EOH F . 24.16 5.30 -40.46
C2 EOH F . 22.86 5.47 -41.28
O EOH F . 25.05 6.38 -40.77
C1 EOH G . 6.67 30.36 -25.52
C2 EOH G . 5.89 30.89 -26.74
O EOH G . 6.36 31.24 -24.42
C1 EOH H . 2.17 28.70 -24.52
C2 EOH H . 2.91 29.55 -23.49
O EOH H . 2.93 28.63 -25.75
C1 EOH I . -10.84 -6.23 31.70
C2 EOH I . -11.53 -5.46 32.85
O EOH I . -9.82 -7.08 32.28
C1 EOH J . -15.39 -10.83 5.41
C2 EOH J . -16.36 -10.05 6.28
O EOH J . -14.17 -11.05 6.15
C1 EOH K . -16.09 -10.28 9.33
C2 EOH K . -17.22 -9.27 9.31
O EOH K . -15.54 -10.38 10.65
C1 EOH L . -25.16 -9.39 15.39
C2 EOH L . -24.88 -7.86 15.37
O EOH L . -26.04 -9.65 16.51
#